data_6E8M
#
_entry.id   6E8M
#
_cell.length_a   40.900
_cell.length_b   64.710
_cell.length_c   67.850
_cell.angle_alpha   90.000
_cell.angle_beta   90.000
_cell.angle_gamma   90.000
#
_symmetry.space_group_name_H-M   'P 21 21 21'
#
loop_
_entity.id
_entity.type
_entity.pdbx_description
1 polymer 'LeSH (Llo2327)'
2 polymer 'DnaJ-A1 pTyr381 peptide'
3 water water
#
loop_
_entity_poly.entity_id
_entity_poly.type
_entity_poly.pdbx_seq_one_letter_code
_entity_poly.pdbx_strand_id
1 'polypeptide(L)'
;GAMEAMQKNELNSKIPIIFGLINSYQIHNLLEQHNAKTKESKAVFLIRDSSTYPGLLTISYYCQEQDIVKHIRFGLTDKG
WKTAPKPPHEPLKSDSPEIKEKYTLDKIKFERKMKQFINTAKKLFEQHIRAESFKTLIMELKIHEFNLEGLIKPTRSQAS
QEKHFTDYV
;
A
2 'polypeptide(L)' HYNGEA(PTR)EDDEHH B
#
# COMPACT_ATOMS: atom_id res chain seq x y z
N SER A 13 -15.00 -20.75 -4.44
CA SER A 13 -13.56 -21.05 -4.56
C SER A 13 -12.70 -19.84 -4.97
N LYS A 14 -13.29 -18.65 -4.96
CA LYS A 14 -12.61 -17.46 -5.48
C LYS A 14 -11.50 -16.98 -4.55
N ILE A 15 -10.41 -16.54 -5.15
CA ILE A 15 -9.22 -16.10 -4.43
C ILE A 15 -9.26 -14.58 -4.31
N PRO A 16 -9.00 -14.01 -3.15
CA PRO A 16 -8.97 -12.55 -3.05
C PRO A 16 -7.89 -11.97 -3.93
N ILE A 17 -8.08 -10.72 -4.32
CA ILE A 17 -7.09 -10.02 -5.15
C ILE A 17 -5.98 -9.38 -4.33
N ILE A 18 -6.00 -9.53 -3.00
CA ILE A 18 -5.07 -8.89 -2.07
C ILE A 18 -4.03 -9.93 -1.66
N PHE A 19 -2.75 -9.57 -1.77
CA PHE A 19 -1.69 -10.43 -1.24
C PHE A 19 -1.61 -10.34 0.28
N GLY A 20 -1.15 -11.42 0.89
CA GLY A 20 -0.78 -11.41 2.29
C GLY A 20 0.60 -10.84 2.49
N LEU A 21 1.23 -11.23 3.61
CA LEU A 21 2.53 -10.70 3.96
C LEU A 21 3.63 -11.29 3.10
N ILE A 22 4.00 -10.61 2.03
CA ILE A 22 5.00 -11.14 1.12
C ILE A 22 6.29 -10.36 1.32
N ASN A 23 7.41 -11.02 1.00
CA ASN A 23 8.70 -10.41 1.26
C ASN A 23 9.15 -9.57 0.08
N SER A 24 10.17 -8.74 0.32
CA SER A 24 10.66 -7.79 -0.68
C SER A 24 11.17 -8.49 -1.94
N TYR A 25 11.87 -9.62 -1.78
CA TYR A 25 12.36 -10.35 -2.94
C TYR A 25 11.20 -10.81 -3.81
N GLN A 26 10.15 -11.36 -3.19
CA GLN A 26 8.96 -11.80 -3.92
C GLN A 26 8.26 -10.64 -4.60
N ILE A 27 8.14 -9.52 -3.91
CA ILE A 27 7.50 -8.34 -4.52
C ILE A 27 8.24 -7.93 -5.78
N HIS A 28 9.57 -7.86 -5.72
CA HIS A 28 10.33 -7.46 -6.90
C HIS A 28 10.18 -8.48 -8.02
N ASN A 29 10.23 -9.77 -7.67
CA ASN A 29 10.11 -10.80 -8.70
C ASN A 29 8.72 -10.84 -9.32
N LEU A 30 7.68 -10.57 -8.52
CA LEU A 30 6.34 -10.52 -9.11
C LEU A 30 6.23 -9.35 -10.08
N LEU A 31 6.75 -8.17 -9.72
CA LEU A 31 6.67 -7.04 -10.65
C LEU A 31 7.46 -7.31 -11.92
N GLU A 32 8.63 -7.94 -11.79
CA GLU A 32 9.44 -8.23 -12.97
C GLU A 32 8.80 -9.31 -13.84
N GLN A 33 8.16 -10.31 -13.21
CA GLN A 33 7.51 -11.38 -13.97
C GLN A 33 6.40 -10.83 -14.87
N HIS A 34 5.69 -9.81 -14.38
CA HIS A 34 4.64 -9.17 -15.13
C HIS A 34 5.14 -7.96 -15.92
N ASN A 35 6.44 -7.93 -16.19
CA ASN A 35 7.05 -7.00 -17.14
C ASN A 35 6.87 -5.54 -16.70
N ALA A 36 6.88 -5.30 -15.40
CA ALA A 36 6.73 -3.92 -14.91
C ALA A 36 7.83 -3.03 -15.44
N LYS A 37 9.02 -3.57 -15.69
CA LYS A 37 10.14 -2.73 -16.07
C LYS A 37 10.16 -2.39 -17.55
N THR A 38 9.25 -2.93 -18.36
CA THR A 38 9.13 -2.50 -19.74
C THR A 38 7.80 -1.80 -20.00
N LYS A 39 7.13 -1.38 -18.93
CA LYS A 39 5.84 -0.70 -19.02
C LYS A 39 5.89 0.59 -18.21
N GLU A 40 4.93 1.48 -18.50
CA GLU A 40 4.88 2.76 -17.78
C GLU A 40 4.71 2.52 -16.28
N SER A 41 5.24 3.45 -15.48
CA SER A 41 5.03 3.39 -14.04
C SER A 41 3.55 3.28 -13.72
N LYS A 42 3.22 2.35 -12.83
CA LYS A 42 1.87 2.04 -12.35
C LYS A 42 1.06 1.20 -13.33
N ALA A 43 1.62 0.80 -14.48
CA ALA A 43 0.90 -0.05 -15.41
C ALA A 43 0.73 -1.46 -14.87
N VAL A 44 1.61 -1.84 -13.95
CA VAL A 44 1.66 -3.14 -13.30
C VAL A 44 1.77 -2.85 -11.81
N PHE A 45 0.96 -3.53 -10.99
CA PHE A 45 1.04 -3.25 -9.56
C PHE A 45 0.41 -4.41 -8.80
N LEU A 46 0.70 -4.47 -7.50
CA LEU A 46 0.02 -5.42 -6.63
C LEU A 46 -0.43 -4.73 -5.36
N ILE A 47 -1.38 -5.36 -4.68
CA ILE A 47 -1.95 -4.84 -3.44
C ILE A 47 -1.72 -5.90 -2.37
N ARG A 48 -1.17 -5.48 -1.22
CA ARG A 48 -0.82 -6.45 -0.20
C ARG A 48 -1.12 -5.88 1.18
N ASP A 49 -1.24 -6.79 2.16
CA ASP A 49 -1.26 -6.37 3.55
C ASP A 49 0.00 -5.58 3.87
N SER A 50 -0.16 -4.43 4.53
CA SER A 50 1.00 -3.74 5.04
C SER A 50 1.73 -4.60 6.06
N SER A 51 3.04 -4.65 5.92
CA SER A 51 3.92 -5.36 6.85
C SER A 51 4.37 -4.49 8.01
N THR A 52 3.96 -3.23 8.06
CA THR A 52 4.28 -2.35 9.17
C THR A 52 3.08 -1.96 10.00
N TYR A 53 1.91 -1.79 9.36
CA TYR A 53 0.71 -1.28 10.02
C TYR A 53 -0.45 -2.23 9.74
N PRO A 54 -0.81 -3.10 10.68
CA PRO A 54 -1.95 -3.99 10.44
C PRO A 54 -3.22 -3.21 10.17
N GLY A 55 -4.01 -3.70 9.23
CA GLY A 55 -5.21 -3.03 8.80
C GLY A 55 -5.02 -2.13 7.59
N LEU A 56 -3.79 -1.77 7.26
CA LEU A 56 -3.52 -0.98 6.08
C LEU A 56 -3.22 -1.87 4.89
N LEU A 57 -3.48 -1.35 3.70
CA LEU A 57 -3.07 -1.98 2.45
C LEU A 57 -1.90 -1.20 1.85
N THR A 58 -1.00 -1.91 1.17
CA THR A 58 0.11 -1.27 0.51
C THR A 58 0.10 -1.63 -0.96
N ILE A 59 0.18 -0.61 -1.82
CA ILE A 59 0.25 -0.81 -3.26
C ILE A 59 1.73 -0.75 -3.65
N SER A 60 2.21 -1.78 -4.36
CA SER A 60 3.60 -1.83 -4.77
C SER A 60 3.66 -1.81 -6.28
N TYR A 61 4.56 -0.99 -6.82
CA TYR A 61 4.68 -0.81 -8.26
C TYR A 61 6.10 -0.42 -8.61
N TYR A 62 6.38 -0.34 -9.90
CA TYR A 62 7.69 0.03 -10.38
C TYR A 62 7.70 1.48 -10.85
N CYS A 63 8.66 2.25 -10.36
CA CYS A 63 8.83 3.64 -10.73
C CYS A 63 9.93 3.71 -11.78
N GLN A 64 9.54 3.89 -13.04
CA GLN A 64 10.51 3.99 -14.13
C GLN A 64 11.52 5.11 -13.90
N GLU A 65 11.07 6.26 -13.38
CA GLU A 65 11.93 7.43 -13.32
C GLU A 65 13.11 7.22 -12.39
N GLN A 66 12.94 6.42 -11.34
CA GLN A 66 13.99 6.17 -10.37
C GLN A 66 14.54 4.75 -10.41
N ASP A 67 13.96 3.87 -11.22
CA ASP A 67 14.38 2.47 -11.30
C ASP A 67 14.35 1.82 -9.91
N ILE A 68 13.24 2.03 -9.20
CA ILE A 68 13.03 1.38 -7.91
C ILE A 68 11.57 0.97 -7.79
N VAL A 69 11.35 0.01 -6.92
CA VAL A 69 10.00 -0.35 -6.51
C VAL A 69 9.53 0.65 -5.46
N LYS A 70 8.31 1.17 -5.64
CA LYS A 70 7.72 2.14 -4.73
C LYS A 70 6.48 1.54 -4.08
N HIS A 71 6.17 2.05 -2.88
CA HIS A 71 5.05 1.57 -2.06
C HIS A 71 4.22 2.73 -1.56
N ILE A 72 2.90 2.56 -1.57
CA ILE A 72 1.98 3.58 -1.07
C ILE A 72 0.93 2.89 -0.21
N ARG A 73 0.70 3.41 0.99
CA ARG A 73 -0.21 2.80 1.94
C ARG A 73 -1.59 3.46 1.89
N PHE A 74 -2.62 2.63 2.03
CA PHE A 74 -4.02 3.05 2.12
C PHE A 74 -4.64 2.48 3.38
N GLY A 75 -5.59 3.22 3.94
CA GLY A 75 -6.32 2.74 5.10
C GLY A 75 -7.77 3.18 4.97
N LEU A 76 -8.63 2.49 5.71
CA LEU A 76 -10.05 2.84 5.71
C LEU A 76 -10.30 4.15 6.46
N THR A 77 -11.15 4.99 5.86
CA THR A 77 -11.71 6.17 6.49
C THR A 77 -13.22 6.08 6.34
N ASP A 78 -13.95 7.03 6.92
CA ASP A 78 -15.39 6.99 6.80
C ASP A 78 -15.84 7.12 5.36
N LYS A 79 -15.02 7.73 4.50
CA LYS A 79 -15.29 7.85 3.08
C LYS A 79 -14.87 6.62 2.29
N GLY A 80 -14.17 5.68 2.91
CA GLY A 80 -13.59 4.55 2.22
C GLY A 80 -12.07 4.58 2.30
N TRP A 81 -11.45 3.72 1.48
CA TRP A 81 -9.99 3.67 1.46
C TRP A 81 -9.41 4.98 0.98
N LYS A 82 -8.40 5.47 1.70
CA LYS A 82 -7.74 6.73 1.39
C LYS A 82 -6.25 6.54 1.65
N THR A 83 -5.47 7.45 1.04
CA THR A 83 -4.02 7.44 1.21
C THR A 83 -3.65 7.77 2.67
N ALA A 84 -2.77 6.95 3.26
CA ALA A 84 -2.27 7.17 4.59
C ALA A 84 -1.23 8.30 4.58
N PRO A 85 -0.95 8.90 5.74
CA PRO A 85 0.17 9.85 5.83
C PRO A 85 1.45 9.19 5.35
N LYS A 86 2.28 9.98 4.68
CA LYS A 86 3.53 9.45 4.18
C LYS A 86 4.69 9.87 5.08
N PRO A 87 5.63 8.96 5.30
CA PRO A 87 6.75 9.25 6.19
C PRO A 87 7.75 10.20 5.55
N PRO A 88 8.48 10.98 6.35
CA PRO A 88 9.50 11.87 5.79
C PRO A 88 10.69 11.08 5.27
N HIS A 89 11.50 11.75 4.43
CA HIS A 89 12.60 11.08 3.78
C HIS A 89 13.62 10.59 4.80
N GLU A 90 14.15 9.39 4.54
CA GLU A 90 15.01 8.69 5.49
C GLU A 90 16.24 9.53 5.80
N PRO A 91 16.75 9.47 7.04
CA PRO A 91 18.03 10.12 7.34
C PRO A 91 19.17 9.55 6.51
N LEU A 92 20.15 10.41 6.22
CA LEU A 92 21.35 10.00 5.52
C LEU A 92 22.58 10.33 6.36
N LYS A 93 23.62 9.53 6.18
CA LYS A 93 24.91 9.78 6.82
C LYS A 93 25.40 11.20 6.57
N SER A 94 25.04 11.77 5.43
CA SER A 94 25.53 13.08 5.00
C SER A 94 24.71 14.23 5.56
N ASP A 95 23.64 13.93 6.32
CA ASP A 95 22.69 14.96 6.72
C ASP A 95 23.37 16.07 7.51
N SER A 96 23.07 17.31 7.15
CA SER A 96 23.49 18.48 7.90
C SER A 96 22.55 18.69 9.10
N PRO A 97 22.94 19.55 10.05
CA PRO A 97 22.02 19.83 11.17
C PRO A 97 20.68 20.37 10.74
N GLU A 98 20.66 21.15 9.66
CA GLU A 98 19.40 21.70 9.15
C GLU A 98 18.49 20.58 8.67
N ILE A 99 19.03 19.61 7.93
CA ILE A 99 18.22 18.44 7.55
C ILE A 99 17.67 17.75 8.79
N LYS A 100 18.55 17.50 9.78
CA LYS A 100 18.16 16.70 10.93
C LYS A 100 17.09 17.40 11.76
N GLU A 101 17.20 18.71 11.94
CA GLU A 101 16.22 19.43 12.74
C GLU A 101 14.85 19.41 12.08
N LYS A 102 14.80 19.56 10.76
CA LYS A 102 13.53 19.45 10.06
C LYS A 102 12.97 18.04 10.15
N TYR A 103 13.85 17.03 10.08
CA TYR A 103 13.39 15.65 10.17
C TYR A 103 12.69 15.40 11.50
N THR A 104 13.24 15.94 12.59
CA THR A 104 12.59 15.80 13.89
C THR A 104 11.14 16.23 13.84
N LEU A 105 10.88 17.45 13.36
CA LEU A 105 9.50 17.94 13.30
C LEU A 105 8.66 17.14 12.33
N ASP A 106 9.20 16.79 11.16
CA ASP A 106 8.39 16.03 10.20
C ASP A 106 8.09 14.64 10.72
N LYS A 107 9.03 14.03 11.45
CA LYS A 107 8.78 12.70 11.97
C LYS A 107 7.70 12.73 13.04
N ILE A 108 7.74 13.73 13.92
CA ILE A 108 6.68 13.86 14.92
C ILE A 108 5.34 14.05 14.24
N LYS A 109 5.31 14.89 13.21
CA LYS A 109 4.05 15.12 12.49
C LYS A 109 3.55 13.83 11.88
N PHE A 110 4.45 13.06 11.28
CA PHE A 110 4.05 11.81 10.67
C PHE A 110 3.53 10.84 11.72
N GLU A 111 4.24 10.71 12.84
CA GLU A 111 3.80 9.79 13.88
C GLU A 111 2.42 10.19 14.43
N ARG A 112 2.20 11.49 14.67
CA ARG A 112 0.90 11.93 15.18
C ARG A 112 -0.21 11.63 14.17
N LYS A 113 0.03 11.95 12.91
CA LYS A 113 -1.00 11.75 11.89
C LYS A 113 -1.26 10.27 11.66
N MET A 114 -0.20 9.45 11.63
CA MET A 114 -0.39 8.02 11.42
C MET A 114 -1.11 7.41 12.60
N LYS A 115 -0.82 7.87 13.83
CA LYS A 115 -1.50 7.31 14.99
C LYS A 115 -3.00 7.53 14.90
N GLN A 116 -3.41 8.75 14.53
CA GLN A 116 -4.84 9.02 14.43
C GLN A 116 -5.45 8.23 13.27
N PHE A 117 -4.71 8.14 12.16
CA PHE A 117 -5.21 7.47 10.97
C PHE A 117 -5.41 5.98 11.22
N ILE A 118 -4.43 5.34 11.89
CA ILE A 118 -4.51 3.91 12.22
C ILE A 118 -5.67 3.62 13.15
N ASN A 119 -5.86 4.49 14.16
CA ASN A 119 -6.93 4.30 15.13
C ASN A 119 -8.29 4.22 14.44
N THR A 120 -8.54 5.13 13.49
CA THR A 120 -9.77 5.08 12.72
C THR A 120 -9.77 3.91 11.72
N ALA A 121 -8.64 3.69 11.05
CA ALA A 121 -8.61 2.66 10.02
C ALA A 121 -8.80 1.27 10.62
N LYS A 122 -8.24 1.05 11.80
CA LYS A 122 -8.31 -0.27 12.42
C LYS A 122 -9.72 -0.56 12.92
N LYS A 123 -10.41 0.45 13.43
CA LYS A 123 -11.80 0.25 13.85
C LYS A 123 -12.70 -0.10 12.66
N LEU A 124 -12.52 0.57 11.52
CA LEU A 124 -13.31 0.25 10.35
C LEU A 124 -12.91 -1.09 9.74
N PHE A 125 -11.62 -1.42 9.78
CA PHE A 125 -11.13 -2.68 9.22
C PHE A 125 -11.75 -3.86 9.95
N GLU A 126 -12.04 -3.69 11.23
CA GLU A 126 -12.45 -4.78 12.09
C GLU A 126 -13.96 -5.01 12.11
N GLN A 127 -14.77 -4.05 11.68
CA GLN A 127 -16.21 -4.21 11.85
C GLN A 127 -16.95 -4.59 10.57
N HIS A 128 -16.57 -4.04 9.43
CA HIS A 128 -17.30 -4.28 8.19
C HIS A 128 -16.57 -5.30 7.31
N ILE A 129 -16.45 -6.51 7.85
CA ILE A 129 -15.74 -7.58 7.13
C ILE A 129 -16.44 -7.87 5.82
N ARG A 130 -17.75 -8.05 5.85
CA ARG A 130 -18.56 -7.97 4.64
C ARG A 130 -18.65 -6.51 4.24
N ALA A 131 -18.05 -6.17 3.09
CA ALA A 131 -17.61 -4.81 2.85
C ALA A 131 -18.05 -4.30 1.48
N GLU A 132 -18.93 -3.29 1.46
CA GLU A 132 -19.02 -2.38 0.34
C GLU A 132 -17.87 -1.38 0.33
N SER A 133 -16.86 -1.61 1.17
CA SER A 133 -15.63 -0.84 1.10
C SER A 133 -14.83 -1.18 -0.14
N PHE A 134 -15.10 -2.32 -0.79
CA PHE A 134 -14.31 -2.73 -1.94
C PHE A 134 -14.38 -1.70 -3.06
N LYS A 135 -15.59 -1.21 -3.37
CA LYS A 135 -15.71 -0.22 -4.44
C LYS A 135 -14.89 1.02 -4.14
N THR A 136 -14.75 1.40 -2.86
CA THR A 136 -13.99 2.61 -2.57
C THR A 136 -12.50 2.38 -2.77
N LEU A 137 -12.03 1.13 -2.69
CA LEU A 137 -10.62 0.86 -2.99
C LEU A 137 -10.36 1.04 -4.48
N ILE A 138 -11.27 0.54 -5.32
CA ILE A 138 -11.16 0.73 -6.75
C ILE A 138 -11.12 2.21 -7.10
N MET A 139 -12.00 3.02 -6.47
CA MET A 139 -12.02 4.45 -6.74
C MET A 139 -10.66 5.07 -6.49
N GLU A 140 -10.04 4.76 -5.34
CA GLU A 140 -8.77 5.38 -5.00
C GLU A 140 -7.65 4.91 -5.91
N LEU A 141 -7.69 3.64 -6.32
CA LEU A 141 -6.70 3.16 -7.29
C LEU A 141 -6.81 3.95 -8.60
N LYS A 142 -8.04 4.23 -9.04
CA LYS A 142 -8.25 5.02 -10.24
C LYS A 142 -7.74 6.44 -10.07
N ILE A 143 -8.02 7.07 -8.93
CA ILE A 143 -7.53 8.43 -8.71
C ILE A 143 -6.01 8.47 -8.80
N HIS A 144 -5.35 7.43 -8.32
CA HIS A 144 -3.90 7.31 -8.37
C HIS A 144 -3.41 6.81 -9.71
N GLU A 145 -4.31 6.51 -10.65
CA GLU A 145 -3.98 6.21 -12.04
C GLU A 145 -3.22 4.89 -12.18
N PHE A 146 -3.54 3.94 -11.31
CA PHE A 146 -3.12 2.56 -11.49
C PHE A 146 -3.96 1.91 -12.58
N ASN A 147 -3.29 1.23 -13.52
CA ASN A 147 -3.97 0.56 -14.62
C ASN A 147 -4.58 -0.73 -14.07
N LEU A 148 -5.91 -0.73 -13.85
CA LEU A 148 -6.55 -1.87 -13.18
C LEU A 148 -6.34 -3.17 -13.95
N GLU A 149 -6.19 -3.10 -15.27
CA GLU A 149 -5.88 -4.29 -16.05
C GLU A 149 -4.50 -4.84 -15.74
N GLY A 150 -3.64 -4.05 -15.09
CA GLY A 150 -2.32 -4.47 -14.71
C GLY A 150 -2.19 -4.97 -13.29
N LEU A 151 -3.31 -5.15 -12.60
CA LEU A 151 -3.27 -5.71 -11.25
C LEU A 151 -2.74 -7.14 -11.29
N ILE A 152 -1.71 -7.39 -10.47
CA ILE A 152 -1.20 -8.75 -10.31
C ILE A 152 -2.07 -9.47 -9.29
N LYS A 153 -2.56 -10.65 -9.65
CA LYS A 153 -3.43 -11.33 -8.72
C LYS A 153 -2.67 -12.44 -7.99
N PRO A 154 -2.85 -12.56 -6.68
CA PRO A 154 -2.18 -13.64 -5.94
C PRO A 154 -2.73 -15.02 -6.29
N THR A 155 -1.85 -16.01 -6.19
CA THR A 155 -2.30 -17.38 -6.11
C THR A 155 -2.93 -17.60 -4.74
N ARG A 156 -3.62 -18.74 -4.60
CA ARG A 156 -4.39 -19.02 -3.38
C ARG A 156 -3.51 -18.99 -2.14
N SER A 157 -2.34 -19.62 -2.20
CA SER A 157 -1.45 -19.68 -1.04
C SER A 157 -0.83 -18.33 -0.68
N GLN A 158 -0.79 -17.39 -1.62
CA GLN A 158 -0.18 -16.10 -1.35
C GLN A 158 -1.20 -15.01 -1.03
N ALA A 159 -2.50 -15.31 -1.15
CA ALA A 159 -3.52 -14.30 -0.92
C ALA A 159 -3.66 -13.99 0.56
N SER A 160 -4.11 -12.78 0.85
CA SER A 160 -4.32 -12.37 2.23
C SER A 160 -5.36 -13.26 2.89
N GLN A 161 -5.10 -13.57 4.15
CA GLN A 161 -6.04 -14.34 4.96
C GLN A 161 -6.85 -13.44 5.89
N GLU A 162 -6.74 -12.12 5.73
CA GLU A 162 -7.56 -11.20 6.51
C GLU A 162 -9.03 -11.32 6.09
N LYS A 163 -9.91 -11.41 7.08
CA LYS A 163 -11.32 -11.65 6.79
C LYS A 163 -11.96 -10.50 6.02
N HIS A 164 -11.47 -9.27 6.21
CA HIS A 164 -12.02 -8.13 5.48
C HIS A 164 -11.99 -8.34 3.97
N PHE A 165 -11.06 -9.16 3.48
CA PHE A 165 -10.82 -9.27 2.04
C PHE A 165 -11.39 -10.53 1.44
N THR A 166 -12.14 -11.33 2.21
CA THR A 166 -12.69 -12.57 1.69
C THR A 166 -13.44 -12.34 0.39
N ASP A 167 -14.18 -11.23 0.32
CA ASP A 167 -14.99 -10.92 -0.85
C ASP A 167 -14.37 -9.84 -1.74
N TYR A 168 -13.09 -9.53 -1.54
CA TYR A 168 -12.36 -8.62 -2.44
C TYR A 168 -11.86 -9.43 -3.64
N VAL A 169 -12.81 -9.76 -4.52
CA VAL A 169 -12.55 -10.76 -5.55
C VAL A 169 -12.77 -10.23 -6.95
N ALA B 6 11.57 4.04 -0.10
CA ALA B 6 10.64 3.58 -1.13
C ALA B 6 9.19 3.77 -0.70
#